data_1FH0
#
_entry.id   1FH0
#
_cell.length_a   104.7
_cell.length_b   104.7
_cell.length_c   179.2
_cell.angle_alpha   90
_cell.angle_beta   90
_cell.angle_gamma   120
#
_symmetry.space_group_name_H-M   'P 64 2 2'
#
loop_
_entity.id
_entity.type
_entity.pdbx_description
1 polymer 'CATHEPSIN V'
2 non-polymer Nalpha-[(4-methylpiperazin-1-yl)carbonyl]-N-[(3S)-1-phenyl-5-(phenylsulfonyl)pentan-3-yl]-L-phenylalaninamide
3 non-polymer 'SULFATE ION'
4 water water
#
_entity_poly.entity_id   1
_entity_poly.type   'polypeptide(L)'
_entity_poly.pdbx_seq_one_letter_code
;LPKSVDWRKKGYVTPVKNQKQCGSCWAFSATGALEGQMFRKTGKLVSLSEQNLVDCSRPQGNQGCNGGFMARAFQYVKEN
GGLDSEESYPYVAVDEICKYRPENSVAQDTGFTVVAPGKEKALMKAVATVGPISVAMDAGHSSFQFYKSGIYFEPDCSSK
NLDHGVLVVGYGFEGANSDNSKYWLVKNSWGPEWGSNGYVKIAKDKNNHCGIATAASYPNV
;
_entity_poly.pdbx_strand_id   A,B
#
loop_
_chem_comp.id
_chem_comp.type
_chem_comp.name
_chem_comp.formula
0IW peptide-like Nalpha-[(4-methylpiperazin-1-yl)carbonyl]-N-[(3S)-1-phenyl-5-(phenylsulfonyl)pentan-3-yl]-L-phenylalaninamide 'C32 H40 N4 O4 S'
SO4 non-polymer 'SULFATE ION' 'O4 S -2'
#
# COMPACT_ATOMS: atom_id res chain seq x y z
N LEU A 1 30.07 20.03 -32.92
CA LEU A 1 30.46 20.47 -31.56
C LEU A 1 30.78 19.27 -30.68
N PRO A 2 31.58 19.47 -29.63
CA PRO A 2 31.93 18.36 -28.73
C PRO A 2 30.65 17.93 -28.00
N LYS A 3 30.63 16.70 -27.51
CA LYS A 3 29.45 16.22 -26.81
C LYS A 3 29.46 16.72 -25.37
N SER A 4 30.62 17.17 -24.91
CA SER A 4 30.75 17.70 -23.57
C SER A 4 31.81 18.78 -23.54
N VAL A 5 31.56 19.82 -22.74
CA VAL A 5 32.48 20.94 -22.60
C VAL A 5 32.54 21.37 -21.14
N ASP A 6 33.73 21.71 -20.67
CA ASP A 6 33.93 22.15 -19.29
C ASP A 6 35.11 23.11 -19.28
N TRP A 7 34.81 24.41 -19.41
CA TRP A 7 35.85 25.41 -19.44
C TRP A 7 36.69 25.52 -18.18
N ARG A 8 36.20 24.95 -17.07
CA ARG A 8 36.97 24.99 -15.83
C ARG A 8 38.27 24.23 -16.04
N LYS A 9 38.20 23.18 -16.85
CA LYS A 9 39.35 22.33 -17.14
C LYS A 9 40.44 23.05 -17.94
N LYS A 10 40.09 24.17 -18.56
CA LYS A 10 41.06 24.92 -19.35
C LYS A 10 41.54 26.22 -18.71
N GLY A 11 41.12 26.46 -17.47
CA GLY A 11 41.56 27.65 -16.76
C GLY A 11 40.80 28.94 -17.01
N TYR A 12 39.59 28.83 -17.56
CA TYR A 12 38.76 29.99 -17.86
C TYR A 12 37.91 30.46 -16.69
N VAL A 13 37.80 29.64 -15.66
CA VAL A 13 36.93 29.95 -14.53
C VAL A 13 37.58 30.13 -13.16
N THR A 14 37.19 31.20 -12.47
CA THR A 14 37.70 31.50 -11.15
C THR A 14 36.91 30.66 -10.13
N PRO A 15 37.40 30.59 -8.89
CA PRO A 15 36.70 29.80 -7.86
C PRO A 15 35.28 30.34 -7.65
N VAL A 16 34.42 29.51 -7.08
CA VAL A 16 33.05 29.91 -6.82
C VAL A 16 33.05 31.04 -5.78
N LYS A 17 32.26 32.06 -6.04
CA LYS A 17 32.16 33.22 -5.14
C LYS A 17 30.83 33.21 -4.42
N ASN A 18 30.66 34.12 -3.47
CA ASN A 18 29.42 34.21 -2.70
C ASN A 18 28.93 35.65 -2.64
N GLN A 19 27.74 35.89 -3.19
CA GLN A 19 27.17 37.23 -3.19
C GLN A 19 26.65 37.63 -1.82
N LYS A 20 26.51 36.66 -0.93
CA LYS A 20 26.03 36.93 0.43
C LYS A 20 24.63 37.58 0.37
N GLN A 21 24.31 38.41 1.36
CA GLN A 21 23.01 39.06 1.40
C GLN A 21 22.91 40.32 0.57
N CYS A 22 23.03 40.14 -0.74
CA CYS A 22 22.97 41.22 -1.71
C CYS A 22 22.52 40.59 -3.03
N GLY A 23 21.53 41.20 -3.68
CA GLY A 23 21.03 40.67 -4.94
C GLY A 23 21.91 41.05 -6.11
N SER A 24 23.19 40.73 -6.00
CA SER A 24 24.18 41.06 -7.02
C SER A 24 24.52 39.90 -7.96
N CYS A 25 23.64 38.91 -8.06
CA CYS A 25 23.89 37.77 -8.92
C CYS A 25 24.32 38.18 -10.32
N TRP A 26 23.67 39.20 -10.86
CA TRP A 26 23.97 39.71 -12.20
C TRP A 26 25.43 40.14 -12.33
N ALA A 27 25.98 40.71 -11.27
CA ALA A 27 27.36 41.18 -11.28
C ALA A 27 28.34 40.01 -11.32
N PHE A 28 28.02 38.94 -10.60
CA PHE A 28 28.89 37.78 -10.60
C PHE A 28 28.81 37.04 -11.93
N SER A 29 27.63 37.04 -12.54
CA SER A 29 27.48 36.40 -13.84
C SER A 29 28.32 37.16 -14.85
N ALA A 30 28.25 38.50 -14.77
CA ALA A 30 29.00 39.36 -15.68
C ALA A 30 30.50 39.21 -15.51
N THR A 31 30.99 39.27 -14.27
CA THR A 31 32.43 39.13 -14.06
C THR A 31 32.90 37.74 -14.50
N GLY A 32 32.05 36.74 -14.28
CA GLY A 32 32.41 35.39 -14.68
C GLY A 32 32.62 35.30 -16.17
N ALA A 33 31.73 35.90 -16.94
CA ALA A 33 31.86 35.87 -18.40
C ALA A 33 33.07 36.66 -18.85
N LEU A 34 33.30 37.82 -18.23
CA LEU A 34 34.42 38.65 -18.60
C LEU A 34 35.75 38.00 -18.21
N GLU A 35 35.77 37.29 -17.09
CA GLU A 35 36.98 36.60 -16.64
C GLU A 35 37.36 35.57 -17.70
N GLY A 36 36.36 34.88 -18.22
CA GLY A 36 36.61 33.87 -19.24
C GLY A 36 37.12 34.48 -20.53
N GLN A 37 36.51 35.58 -20.96
CA GLN A 37 36.92 36.23 -22.20
C GLN A 37 38.28 36.91 -22.10
N MET A 38 38.57 37.52 -20.94
CA MET A 38 39.87 38.15 -20.78
C MET A 38 40.95 37.07 -20.80
N PHE A 39 40.63 35.90 -20.28
CA PHE A 39 41.57 34.79 -20.26
C PHE A 39 41.90 34.37 -21.70
N ARG A 40 40.88 34.39 -22.55
CA ARG A 40 41.05 34.01 -23.96
C ARG A 40 42.04 34.91 -24.66
N LYS A 41 42.02 36.19 -24.32
CA LYS A 41 42.88 37.17 -24.96
C LYS A 41 44.24 37.39 -24.33
N THR A 42 44.38 37.15 -23.04
CA THR A 42 45.66 37.37 -22.37
C THR A 42 46.32 36.11 -21.82
N GLY A 43 45.53 35.09 -21.54
CA GLY A 43 46.07 33.86 -21.00
C GLY A 43 46.23 33.97 -19.50
N LYS A 44 45.69 35.05 -18.93
CA LYS A 44 45.76 35.28 -17.49
C LYS A 44 44.38 35.34 -16.88
N LEU A 45 44.16 34.53 -15.85
CA LEU A 45 42.87 34.51 -15.16
C LEU A 45 42.96 35.45 -13.97
N VAL A 46 42.21 36.55 -14.03
CA VAL A 46 42.21 37.54 -12.97
C VAL A 46 40.80 37.76 -12.42
N SER A 47 40.63 37.56 -11.12
CA SER A 47 39.33 37.76 -10.50
C SER A 47 38.93 39.23 -10.60
N LEU A 48 37.74 39.47 -11.13
CA LEU A 48 37.25 40.84 -11.34
C LEU A 48 36.36 41.35 -10.20
N SER A 49 36.18 42.66 -10.15
CA SER A 49 35.40 43.29 -9.09
C SER A 49 33.89 43.45 -9.30
N GLU A 50 33.11 42.65 -8.58
CA GLU A 50 31.66 42.74 -8.68
C GLU A 50 31.24 44.05 -7.99
N GLN A 51 32.00 44.45 -6.98
CA GLN A 51 31.67 45.68 -6.25
C GLN A 51 31.74 46.87 -7.19
N ASN A 52 32.74 46.85 -8.07
CA ASN A 52 32.93 47.91 -9.06
C ASN A 52 31.65 48.00 -9.88
N LEU A 53 31.07 46.86 -10.24
CA LEU A 53 29.84 46.85 -11.01
C LEU A 53 28.65 47.32 -10.18
N VAL A 54 28.58 46.85 -8.93
CA VAL A 54 27.50 47.24 -8.04
C VAL A 54 27.45 48.73 -7.78
N ASP A 55 28.60 49.29 -7.42
CA ASP A 55 28.68 50.72 -7.09
C ASP A 55 28.63 51.67 -8.27
N CYS A 56 29.14 51.24 -9.41
CA CYS A 56 29.26 52.13 -10.56
C CYS A 56 28.35 52.05 -11.76
N SER A 57 27.58 50.98 -11.91
CA SER A 57 26.75 50.86 -13.10
C SER A 57 25.29 51.31 -13.00
N ARG A 58 24.99 52.21 -12.07
CA ARG A 58 23.62 52.68 -11.97
C ARG A 58 23.22 53.51 -13.19
N PRO A 59 24.17 54.24 -13.80
CA PRO A 59 23.81 55.04 -14.97
C PRO A 59 23.33 54.15 -16.12
N GLN A 60 23.82 52.91 -16.14
CA GLN A 60 23.44 51.97 -17.18
C GLN A 60 22.15 51.22 -16.87
N GLY A 61 21.52 51.56 -15.75
CA GLY A 61 20.26 50.92 -15.40
C GLY A 61 20.28 49.86 -14.32
N ASN A 62 21.46 49.52 -13.81
CA ASN A 62 21.54 48.51 -12.76
C ASN A 62 21.24 49.14 -11.41
N GLN A 63 20.82 48.30 -10.46
CA GLN A 63 20.48 48.79 -9.13
C GLN A 63 21.21 48.05 -8.02
N GLY A 64 22.49 47.76 -8.26
CA GLY A 64 23.31 47.08 -7.27
C GLY A 64 22.70 45.86 -6.62
N CYS A 65 22.59 45.88 -5.29
CA CYS A 65 22.05 44.76 -4.54
C CYS A 65 20.57 44.55 -4.79
N ASN A 66 19.99 45.48 -5.54
CA ASN A 66 18.58 45.37 -5.85
C ASN A 66 18.23 44.86 -7.23
N GLY A 67 19.27 44.32 -7.87
CA GLY A 67 19.10 43.72 -9.17
C GLY A 67 19.79 44.46 -10.29
N GLY A 68 20.02 43.73 -11.38
CA GLY A 68 20.68 44.32 -12.53
C GLY A 68 20.65 43.37 -13.72
N PHE A 69 21.36 43.76 -14.77
CA PHE A 69 21.44 42.95 -15.99
C PHE A 69 22.89 42.76 -16.40
N MET A 70 23.25 41.56 -16.81
CA MET A 70 24.62 41.30 -17.24
C MET A 70 24.92 42.18 -18.46
N ALA A 71 23.93 42.31 -19.35
CA ALA A 71 24.12 43.13 -20.55
C ALA A 71 24.48 44.57 -20.18
N ARG A 72 23.79 45.12 -19.19
CA ARG A 72 24.08 46.50 -18.79
C ARG A 72 25.42 46.59 -18.07
N ALA A 73 25.85 45.49 -17.46
CA ALA A 73 27.15 45.47 -16.80
C ALA A 73 28.21 45.57 -17.89
N PHE A 74 28.02 44.82 -18.98
CA PHE A 74 28.98 44.86 -20.07
C PHE A 74 28.99 46.24 -20.72
N GLN A 75 27.83 46.89 -20.74
CA GLN A 75 27.75 48.23 -21.32
C GLN A 75 28.53 49.20 -20.43
N TYR A 76 28.41 49.02 -19.12
CA TYR A 76 29.15 49.88 -18.20
C TYR A 76 30.65 49.75 -18.43
N VAL A 77 31.15 48.52 -18.54
CA VAL A 77 32.57 48.32 -18.76
C VAL A 77 33.02 49.02 -20.04
N LYS A 78 32.18 48.96 -21.07
CA LYS A 78 32.49 49.60 -22.35
C LYS A 78 32.56 51.11 -22.19
N GLU A 79 31.48 51.70 -21.68
CA GLU A 79 31.42 53.15 -21.50
C GLU A 79 32.45 53.67 -20.50
N ASN A 80 32.67 52.90 -19.44
CA ASN A 80 33.63 53.31 -18.41
C ASN A 80 35.06 53.17 -18.89
N GLY A 81 35.29 52.28 -19.85
CA GLY A 81 36.63 52.08 -20.37
C GLY A 81 37.48 51.11 -19.57
N GLY A 82 36.85 50.40 -18.64
CA GLY A 82 37.61 49.45 -17.84
C GLY A 82 36.86 48.92 -16.64
N LEU A 83 37.50 47.98 -15.93
CA LEU A 83 36.91 47.37 -14.75
C LEU A 83 38.07 46.94 -13.84
N ASP A 84 37.95 47.23 -12.55
CA ASP A 84 39.02 46.87 -11.62
C ASP A 84 39.01 45.42 -11.19
N SER A 85 40.14 44.99 -10.65
CA SER A 85 40.29 43.63 -10.17
C SER A 85 39.63 43.52 -8.80
N GLU A 86 39.32 42.29 -8.40
CA GLU A 86 38.70 42.04 -7.11
C GLU A 86 39.64 42.49 -6.00
N GLU A 87 40.93 42.20 -6.16
CA GLU A 87 41.93 42.57 -5.17
C GLU A 87 41.98 44.07 -4.87
N SER A 88 41.85 44.88 -5.92
CA SER A 88 41.92 46.33 -5.77
C SER A 88 40.60 46.98 -5.37
N TYR A 89 39.49 46.30 -5.66
CA TYR A 89 38.16 46.82 -5.36
C TYR A 89 37.35 45.66 -4.77
N PRO A 90 37.59 45.33 -3.49
CA PRO A 90 36.92 44.25 -2.74
C PRO A 90 35.40 44.31 -2.63
N TYR A 91 34.80 43.12 -2.61
CA TYR A 91 33.35 42.98 -2.50
C TYR A 91 32.90 43.10 -1.05
N VAL A 92 31.89 43.96 -0.80
CA VAL A 92 31.38 44.13 0.56
C VAL A 92 29.88 43.85 0.69
N ALA A 93 29.27 43.38 -0.40
CA ALA A 93 27.86 43.01 -0.43
C ALA A 93 26.83 44.08 -0.03
N VAL A 94 27.16 45.34 -0.30
CA VAL A 94 26.26 46.44 -0.01
C VAL A 94 26.46 47.51 -1.08
N ASP A 95 25.45 48.33 -1.31
CA ASP A 95 25.54 49.38 -2.32
C ASP A 95 26.38 50.53 -1.77
N GLU A 96 27.44 50.89 -2.48
CA GLU A 96 28.29 52.00 -2.06
C GLU A 96 28.59 52.96 -3.20
N ILE A 97 29.31 54.03 -2.90
CA ILE A 97 29.66 55.02 -3.91
C ILE A 97 30.77 54.49 -4.81
N CYS A 98 30.65 54.76 -6.11
CA CYS A 98 31.64 54.31 -7.07
C CYS A 98 33.06 54.76 -6.72
N LYS A 99 33.99 53.80 -6.69
CA LYS A 99 35.38 54.09 -6.37
C LYS A 99 36.30 53.52 -7.43
N TYR A 100 35.81 53.43 -8.66
CA TYR A 100 36.63 52.92 -9.75
C TYR A 100 37.94 53.69 -9.88
N ARG A 101 39.04 52.97 -10.02
CA ARG A 101 40.35 53.59 -10.19
C ARG A 101 40.93 53.10 -11.52
N PRO A 102 41.14 54.01 -12.48
CA PRO A 102 41.68 53.58 -13.77
C PRO A 102 42.99 52.81 -13.74
N GLU A 103 43.91 53.21 -12.85
CA GLU A 103 45.20 52.53 -12.76
C GLU A 103 45.08 51.06 -12.44
N ASN A 104 43.95 50.67 -11.85
CA ASN A 104 43.72 49.29 -11.46
C ASN A 104 42.84 48.51 -12.43
N SER A 105 42.53 49.10 -13.58
CA SER A 105 41.70 48.41 -14.56
C SER A 105 42.47 47.23 -15.13
N VAL A 106 41.80 46.08 -15.22
CA VAL A 106 42.44 44.88 -15.75
C VAL A 106 41.57 44.16 -16.77
N ALA A 107 40.40 44.72 -17.06
CA ALA A 107 39.51 44.13 -18.04
C ALA A 107 38.75 45.21 -18.80
N GLN A 108 38.37 44.92 -20.04
CA GLN A 108 37.54 45.84 -20.83
C GLN A 108 36.77 45.02 -21.85
N ASP A 109 35.75 45.66 -22.43
CA ASP A 109 34.97 45.06 -23.48
C ASP A 109 34.40 46.21 -24.32
N THR A 110 34.01 45.91 -25.55
CA THR A 110 33.50 46.92 -26.47
C THR A 110 32.00 46.77 -26.69
N GLY A 111 31.39 45.98 -25.84
CA GLY A 111 29.95 45.72 -25.95
C GLY A 111 29.76 44.25 -25.67
N PHE A 112 28.69 43.67 -26.20
CA PHE A 112 28.43 42.27 -25.95
C PHE A 112 27.65 41.65 -27.10
N THR A 113 27.62 40.32 -27.12
CA THR A 113 26.91 39.58 -28.14
C THR A 113 25.77 38.82 -27.50
N VAL A 114 24.59 38.91 -28.11
CA VAL A 114 23.41 38.22 -27.59
C VAL A 114 23.16 36.92 -28.33
N VAL A 115 22.93 35.85 -27.59
CA VAL A 115 22.66 34.54 -28.17
C VAL A 115 21.19 34.52 -28.56
N ALA A 116 20.87 33.96 -29.72
CA ALA A 116 19.49 33.88 -30.20
C ALA A 116 18.58 33.45 -29.05
N PRO A 117 17.68 34.35 -28.61
CA PRO A 117 16.75 34.06 -27.51
C PRO A 117 15.93 32.77 -27.64
N GLY A 118 16.05 31.92 -26.62
CA GLY A 118 15.32 30.67 -26.60
C GLY A 118 15.94 29.53 -27.37
N LYS A 119 17.08 29.79 -28.01
CA LYS A 119 17.73 28.76 -28.81
C LYS A 119 18.86 28.04 -28.08
N GLU A 120 18.57 26.85 -27.58
CA GLU A 120 19.58 26.07 -26.87
C GLU A 120 20.68 25.60 -27.80
N LYS A 121 20.35 25.44 -29.08
CA LYS A 121 21.36 25.01 -30.04
C LYS A 121 22.36 26.15 -30.22
N ALA A 122 21.85 27.38 -30.25
CA ALA A 122 22.70 28.55 -30.38
C ALA A 122 23.55 28.71 -29.12
N LEU A 123 22.95 28.45 -27.97
CA LEU A 123 23.70 28.57 -26.72
C LEU A 123 24.82 27.54 -26.70
N MET A 124 24.53 26.34 -27.22
CA MET A 124 25.53 25.28 -27.25
C MET A 124 26.71 25.70 -28.12
N LYS A 125 26.42 26.33 -29.26
CA LYS A 125 27.46 26.79 -30.18
C LYS A 125 28.34 27.83 -29.49
N ALA A 126 27.72 28.75 -28.76
CA ALA A 126 28.45 29.79 -28.07
C ALA A 126 29.34 29.22 -26.97
N VAL A 127 28.78 28.34 -26.15
CA VAL A 127 29.56 27.73 -25.07
C VAL A 127 30.75 26.97 -25.64
N ALA A 128 30.53 26.24 -26.72
CA ALA A 128 31.59 25.45 -27.34
C ALA A 128 32.68 26.26 -28.03
N THR A 129 32.32 27.37 -28.66
CA THR A 129 33.30 28.16 -29.39
C THR A 129 33.76 29.48 -28.79
N VAL A 130 33.03 29.97 -27.79
CA VAL A 130 33.37 31.24 -27.17
C VAL A 130 33.94 31.12 -25.76
N GLY A 131 33.29 30.30 -24.94
CA GLY A 131 33.73 30.11 -23.56
C GLY A 131 32.54 30.27 -22.64
N PRO A 132 32.74 30.54 -21.34
CA PRO A 132 31.61 30.72 -20.42
C PRO A 132 30.65 31.80 -20.90
N ILE A 133 29.35 31.53 -20.80
CA ILE A 133 28.32 32.46 -21.24
C ILE A 133 27.42 32.91 -20.10
N SER A 134 27.13 34.21 -20.03
CA SER A 134 26.24 34.72 -18.98
C SER A 134 24.82 34.38 -19.38
N VAL A 135 24.03 33.91 -18.42
CA VAL A 135 22.65 33.55 -18.70
C VAL A 135 21.75 33.90 -17.53
N ALA A 136 20.47 34.07 -17.81
CA ALA A 136 19.49 34.36 -16.77
C ALA A 136 18.58 33.15 -16.72
N MET A 137 18.00 32.87 -15.56
CA MET A 137 17.13 31.72 -15.42
C MET A 137 16.09 31.94 -14.34
N ASP A 138 15.13 31.03 -14.28
CA ASP A 138 14.09 31.08 -13.27
C ASP A 138 14.62 30.18 -12.16
N ALA A 139 15.19 30.79 -11.13
CA ALA A 139 15.75 30.04 -10.01
C ALA A 139 14.98 30.36 -8.73
N GLY A 140 13.76 30.84 -8.88
CA GLY A 140 12.95 31.20 -7.73
C GLY A 140 12.23 30.09 -7.01
N HIS A 141 12.34 28.86 -7.50
CA HIS A 141 11.66 27.74 -6.86
C HIS A 141 12.47 27.13 -5.73
N SER A 142 11.77 26.66 -4.70
CA SER A 142 12.44 26.06 -3.55
C SER A 142 13.33 24.89 -3.96
N SER A 143 12.97 24.21 -5.04
CA SER A 143 13.76 23.08 -5.51
C SER A 143 15.18 23.51 -5.85
N PHE A 144 15.34 24.72 -6.36
CA PHE A 144 16.67 25.22 -6.72
C PHE A 144 17.48 25.51 -5.46
N GLN A 145 16.84 26.11 -4.46
CA GLN A 145 17.52 26.43 -3.21
C GLN A 145 18.08 25.15 -2.58
N PHE A 146 17.33 24.06 -2.71
CA PHE A 146 17.72 22.76 -2.14
C PHE A 146 18.50 21.83 -3.05
N TYR A 147 18.90 22.31 -4.22
CA TYR A 147 19.66 21.49 -5.15
C TYR A 147 21.00 21.04 -4.54
N LYS A 148 21.35 19.78 -4.74
CA LYS A 148 22.60 19.24 -4.23
C LYS A 148 23.42 18.50 -5.28
N SER A 149 22.74 17.73 -6.13
CA SER A 149 23.42 16.97 -7.17
C SER A 149 22.46 16.48 -8.25
N GLY A 150 23.02 15.91 -9.30
CA GLY A 150 22.21 15.40 -10.39
C GLY A 150 21.75 16.50 -11.33
N ILE A 151 20.84 16.15 -12.24
CA ILE A 151 20.32 17.12 -13.19
C ILE A 151 19.08 17.81 -12.64
N TYR A 152 19.17 19.13 -12.52
CA TYR A 152 18.06 19.93 -12.00
C TYR A 152 16.92 20.05 -13.01
N PHE A 153 15.72 19.72 -12.57
CA PHE A 153 14.53 19.83 -13.39
C PHE A 153 13.36 20.22 -12.50
N GLU A 154 12.78 21.37 -12.80
CA GLU A 154 11.64 21.89 -12.04
C GLU A 154 10.45 22.05 -12.97
N PRO A 155 9.44 21.17 -12.84
CA PRO A 155 8.24 21.24 -13.68
C PRO A 155 7.55 22.60 -13.75
N ASP A 156 7.67 23.39 -12.69
CA ASP A 156 7.03 24.71 -12.67
C ASP A 156 7.93 25.82 -13.20
N CYS A 157 9.13 25.48 -13.67
CA CYS A 157 10.04 26.50 -14.18
C CYS A 157 9.48 27.23 -15.38
N SER A 158 9.79 28.53 -15.43
CA SER A 158 9.34 29.38 -16.53
C SER A 158 10.53 29.64 -17.44
N SER A 159 10.27 29.74 -18.74
CA SER A 159 11.31 30.02 -19.71
C SER A 159 11.28 31.50 -20.07
N LYS A 160 10.29 32.21 -19.54
CA LYS A 160 10.14 33.63 -19.82
C LYS A 160 10.43 34.53 -18.63
N ASN A 161 9.89 34.18 -17.47
CA ASN A 161 10.09 34.97 -16.26
C ASN A 161 11.33 34.51 -15.51
N LEU A 162 12.43 35.23 -15.73
CA LEU A 162 13.71 34.93 -15.12
C LEU A 162 14.01 35.88 -13.96
N ASP A 163 14.76 35.41 -12.97
CA ASP A 163 15.08 36.23 -11.81
C ASP A 163 16.49 36.06 -11.28
N HIS A 164 17.31 35.29 -11.99
CA HIS A 164 18.65 35.02 -11.51
C HIS A 164 19.68 34.95 -12.64
N GLY A 165 20.81 35.61 -12.42
CA GLY A 165 21.88 35.61 -13.41
C GLY A 165 22.98 34.67 -12.97
N VAL A 166 23.34 33.75 -13.85
CA VAL A 166 24.39 32.78 -13.56
C VAL A 166 25.33 32.61 -14.74
N LEU A 167 26.24 31.64 -14.66
CA LEU A 167 27.22 31.44 -15.72
C LEU A 167 27.29 30.01 -16.23
N VAL A 168 27.09 29.82 -17.53
CA VAL A 168 27.19 28.49 -18.11
C VAL A 168 28.65 28.27 -18.49
N VAL A 169 29.31 27.31 -17.83
CA VAL A 169 30.72 27.04 -18.11
C VAL A 169 30.93 25.77 -18.93
N GLY A 170 29.83 25.20 -19.40
CA GLY A 170 29.94 24.00 -20.20
C GLY A 170 28.65 23.22 -20.30
N TYR A 171 28.73 22.00 -20.81
CA TYR A 171 27.57 21.15 -20.96
C TYR A 171 28.02 19.71 -21.10
N GLY A 172 27.08 18.78 -20.95
CA GLY A 172 27.41 17.37 -21.06
C GLY A 172 26.20 16.51 -20.85
N PHE A 173 26.41 15.33 -20.28
CA PHE A 173 25.32 14.41 -20.02
C PHE A 173 25.72 13.36 -18.99
N GLU A 174 24.72 12.76 -18.35
CA GLU A 174 24.98 11.73 -17.35
C GLU A 174 24.72 10.38 -18.00
N GLY A 175 25.14 9.31 -17.34
CA GLY A 175 24.94 7.98 -17.88
C GLY A 175 25.86 7.68 -19.05
N ALA A 176 25.52 6.64 -19.82
CA ALA A 176 26.32 6.25 -20.97
C ALA A 176 25.79 6.77 -22.30
N ASN A 177 24.52 7.19 -22.31
CA ASN A 177 23.92 7.70 -23.54
C ASN A 177 24.22 9.18 -23.75
N SER A 178 25.01 9.47 -24.78
CA SER A 178 25.41 10.83 -25.11
C SER A 178 24.23 11.71 -25.50
N ASP A 179 23.12 11.09 -25.90
CA ASP A 179 21.93 11.85 -26.30
C ASP A 179 20.84 11.86 -25.25
N ASN A 180 21.19 11.46 -24.02
CA ASN A 180 20.23 11.44 -22.93
C ASN A 180 20.80 11.97 -21.64
N SER A 181 19.92 12.50 -20.79
CA SER A 181 20.33 13.06 -19.50
C SER A 181 21.35 14.17 -19.74
N LYS A 182 21.06 15.03 -20.71
CA LYS A 182 21.94 16.14 -21.05
C LYS A 182 21.74 17.29 -20.07
N TYR A 183 22.78 18.10 -19.88
CA TYR A 183 22.69 19.21 -18.95
C TYR A 183 23.65 20.34 -19.27
N TRP A 184 23.36 21.50 -18.70
CA TRP A 184 24.21 22.68 -18.84
C TRP A 184 24.95 22.73 -17.51
N LEU A 185 26.26 22.97 -17.56
CA LEU A 185 27.06 23.07 -16.33
C LEU A 185 27.04 24.54 -15.95
N VAL A 186 26.39 24.84 -14.82
CA VAL A 186 26.24 26.21 -14.38
C VAL A 186 26.95 26.58 -13.08
N LYS A 187 27.67 27.70 -13.11
CA LYS A 187 28.37 28.20 -11.94
C LYS A 187 27.44 29.19 -11.25
N ASN A 188 27.16 28.96 -9.97
CA ASN A 188 26.28 29.85 -9.22
C ASN A 188 27.19 30.76 -8.40
N SER A 189 26.58 31.71 -7.69
CA SER A 189 27.35 32.65 -6.88
C SER A 189 26.85 32.67 -5.43
N TRP A 190 26.57 31.48 -4.90
CA TRP A 190 26.08 31.33 -3.54
C TRP A 190 27.09 30.59 -2.68
N GLY A 191 28.36 30.65 -3.08
CA GLY A 191 29.40 29.97 -2.33
C GLY A 191 29.56 28.51 -2.74
N PRO A 192 30.71 27.91 -2.46
CA PRO A 192 31.01 26.50 -2.79
C PRO A 192 30.23 25.48 -1.98
N GLU A 193 29.63 25.90 -0.87
CA GLU A 193 28.88 24.98 -0.03
C GLU A 193 27.47 24.72 -0.57
N TRP A 194 27.03 25.54 -1.53
CA TRP A 194 25.71 25.36 -2.12
C TRP A 194 25.80 24.40 -3.30
N GLY A 195 24.72 23.64 -3.53
CA GLY A 195 24.66 22.71 -4.63
C GLY A 195 25.84 21.75 -4.67
N SER A 196 26.38 21.54 -5.86
CA SER A 196 27.51 20.65 -6.04
C SER A 196 28.78 21.48 -6.15
N ASN A 197 29.38 21.76 -4.99
CA ASN A 197 30.60 22.55 -4.90
C ASN A 197 30.40 23.93 -5.54
N GLY A 198 29.18 24.44 -5.45
CA GLY A 198 28.88 25.75 -6.00
C GLY A 198 28.26 25.70 -7.38
N TYR A 199 28.24 24.52 -7.99
CA TYR A 199 27.69 24.35 -9.33
C TYR A 199 26.36 23.60 -9.35
N VAL A 200 25.70 23.68 -10.49
CA VAL A 200 24.42 23.00 -10.69
C VAL A 200 24.29 22.59 -12.15
N LYS A 201 23.76 21.40 -12.37
CA LYS A 201 23.54 20.90 -13.71
C LYS A 201 22.07 21.14 -14.03
N ILE A 202 21.80 21.97 -15.03
CA ILE A 202 20.42 22.27 -15.42
C ILE A 202 20.04 21.45 -16.65
N ALA A 203 18.86 20.85 -16.62
CA ALA A 203 18.38 20.03 -17.75
C ALA A 203 18.60 20.77 -19.08
N LYS A 204 19.27 20.10 -20.00
CA LYS A 204 19.56 20.67 -21.31
C LYS A 204 18.74 20.01 -22.42
N ASP A 205 18.32 20.83 -23.39
CA ASP A 205 17.51 20.37 -24.51
C ASP A 205 16.19 19.78 -24.04
N LYS A 206 15.63 20.42 -23.01
CA LYS A 206 14.35 20.04 -22.43
C LYS A 206 13.44 21.26 -22.58
N ASN A 207 13.37 21.76 -23.80
CA ASN A 207 12.54 22.92 -24.13
C ASN A 207 12.95 24.18 -23.37
N ASN A 208 14.24 24.51 -23.43
CA ASN A 208 14.78 25.70 -22.78
C ASN A 208 14.36 25.77 -21.32
N HIS A 209 14.68 24.72 -20.56
CA HIS A 209 14.31 24.63 -19.16
C HIS A 209 14.77 25.80 -18.31
N CYS A 210 13.81 26.40 -17.60
CA CYS A 210 14.05 27.54 -16.73
C CYS A 210 14.57 28.77 -17.47
N GLY A 211 14.40 28.79 -18.79
CA GLY A 211 14.83 29.92 -19.60
C GLY A 211 16.32 30.13 -19.72
N ILE A 212 17.08 29.06 -19.53
CA ILE A 212 18.54 29.11 -19.61
C ILE A 212 19.06 29.78 -20.89
N ALA A 213 18.36 29.60 -22.00
CA ALA A 213 18.79 30.19 -23.26
C ALA A 213 17.96 31.40 -23.69
N THR A 214 17.16 31.93 -22.77
CA THR A 214 16.32 33.09 -23.10
C THR A 214 17.06 34.42 -23.13
N ALA A 215 18.01 34.60 -22.22
CA ALA A 215 18.76 35.84 -22.14
C ALA A 215 20.24 35.59 -21.92
N ALA A 216 20.88 34.92 -22.87
CA ALA A 216 22.29 34.61 -22.77
C ALA A 216 23.13 35.63 -23.55
N SER A 217 24.31 35.93 -23.04
CA SER A 217 25.18 36.90 -23.70
C SER A 217 26.62 36.75 -23.23
N TYR A 218 27.54 37.33 -23.99
CA TYR A 218 28.94 37.32 -23.61
C TYR A 218 29.57 38.64 -24.02
N PRO A 219 30.50 39.14 -23.21
CA PRO A 219 31.16 40.42 -23.51
C PRO A 219 32.14 40.25 -24.66
N ASN A 220 32.28 41.30 -25.46
CA ASN A 220 33.20 41.27 -26.59
C ASN A 220 34.51 41.95 -26.18
N VAL A 221 35.56 41.17 -26.03
CA VAL A 221 36.85 41.71 -25.63
C VAL A 221 37.76 42.01 -26.82
N LEU B 1 -24.45 -12.73 23.27
CA LEU B 1 -24.06 -13.92 22.46
C LEU B 1 -23.33 -13.50 21.19
N PRO B 2 -22.30 -14.26 20.79
CA PRO B 2 -21.54 -13.94 19.58
C PRO B 2 -22.40 -13.94 18.32
N LYS B 3 -21.97 -13.20 17.30
CA LYS B 3 -22.71 -13.14 16.05
C LYS B 3 -22.58 -14.42 15.25
N SER B 4 -21.55 -15.20 15.52
CA SER B 4 -21.36 -16.46 14.82
C SER B 4 -20.64 -17.48 15.70
N VAL B 5 -20.97 -18.75 15.49
CA VAL B 5 -20.38 -19.84 16.25
C VAL B 5 -20.11 -21.01 15.31
N ASP B 6 -19.01 -21.71 15.52
CA ASP B 6 -18.66 -22.87 14.70
C ASP B 6 -17.83 -23.79 15.57
N TRP B 7 -18.49 -24.75 16.21
CA TRP B 7 -17.80 -25.68 17.10
C TRP B 7 -16.77 -26.57 16.42
N ARG B 8 -16.78 -26.62 15.09
CA ARG B 8 -15.82 -27.44 14.37
C ARG B 8 -14.43 -26.86 14.59
N LYS B 9 -14.36 -25.55 14.74
CA LYS B 9 -13.09 -24.86 14.95
C LYS B 9 -12.50 -25.13 16.33
N LYS B 10 -13.30 -25.68 17.24
CA LYS B 10 -12.84 -25.95 18.59
C LYS B 10 -12.56 -27.43 18.89
N GLY B 11 -12.69 -28.28 17.87
CA GLY B 11 -12.43 -29.70 18.06
C GLY B 11 -13.57 -30.52 18.64
N TYR B 12 -14.77 -29.96 18.62
CA TYR B 12 -15.97 -30.63 19.15
C TYR B 12 -16.63 -31.59 18.17
N VAL B 13 -16.28 -31.49 16.89
CA VAL B 13 -16.94 -32.29 15.87
C VAL B 13 -16.08 -33.28 15.09
N THR B 14 -16.59 -34.51 14.96
CA THR B 14 -15.90 -35.57 14.23
C THR B 14 -16.17 -35.38 12.75
N PRO B 15 -15.41 -36.07 11.89
CA PRO B 15 -15.63 -35.93 10.45
C PRO B 15 -17.07 -36.36 10.11
N VAL B 16 -17.52 -35.97 8.92
CA VAL B 16 -18.87 -36.31 8.48
C VAL B 16 -19.00 -37.81 8.24
N LYS B 17 -20.08 -38.38 8.78
CA LYS B 17 -20.35 -39.81 8.65
C LYS B 17 -21.43 -40.06 7.61
N ASN B 18 -21.70 -41.33 7.33
CA ASN B 18 -22.68 -41.70 6.31
C ASN B 18 -23.57 -42.83 6.82
N GLN B 19 -24.87 -42.56 6.95
CA GLN B 19 -25.80 -43.58 7.42
C GLN B 19 -26.10 -44.65 6.37
N LYS B 20 -25.78 -44.35 5.11
CA LYS B 20 -26.04 -45.27 4.01
C LYS B 20 -27.54 -45.59 3.91
N GLN B 21 -27.88 -46.80 3.49
CA GLN B 21 -29.28 -47.18 3.34
C GLN B 21 -29.90 -47.71 4.63
N CYS B 22 -30.04 -46.82 5.60
CA CYS B 22 -30.61 -47.15 6.90
C CYS B 22 -31.13 -45.84 7.49
N GLY B 23 -32.36 -45.86 7.99
CA GLY B 23 -32.96 -44.66 8.57
C GLY B 23 -32.47 -44.41 9.98
N SER B 24 -31.15 -44.35 10.12
CA SER B 24 -30.51 -44.15 11.41
C SER B 24 -30.06 -42.72 11.68
N CYS B 25 -30.61 -41.77 10.93
CA CYS B 25 -30.25 -40.36 11.10
C CYS B 25 -30.26 -39.95 12.56
N TRP B 26 -31.28 -40.39 13.29
CA TRP B 26 -31.43 -40.07 14.70
C TRP B 26 -30.22 -40.51 15.54
N ALA B 27 -29.63 -41.64 15.16
CA ALA B 27 -28.47 -42.16 15.87
C ALA B 27 -27.24 -41.29 15.64
N PHE B 28 -27.08 -40.80 14.41
CA PHE B 28 -25.94 -39.95 14.10
C PHE B 28 -26.08 -38.58 14.75
N SER B 29 -27.31 -38.09 14.84
CA SER B 29 -27.56 -36.81 15.47
C SER B 29 -27.18 -36.93 16.95
N ALA B 30 -27.59 -38.05 17.56
CA ALA B 30 -27.32 -38.31 18.96
C ALA B 30 -25.83 -38.45 19.26
N THR B 31 -25.13 -39.25 18.47
CA THR B 31 -23.70 -39.43 18.71
C THR B 31 -22.96 -38.10 18.49
N GLY B 32 -23.44 -37.30 17.54
CA GLY B 32 -22.79 -36.03 17.29
C GLY B 32 -22.87 -35.12 18.50
N ALA B 33 -24.04 -35.06 19.12
CA ALA B 33 -24.23 -34.23 20.30
C ALA B 33 -23.42 -34.76 21.47
N LEU B 34 -23.42 -36.08 21.64
CA LEU B 34 -22.68 -36.68 22.74
C LEU B 34 -21.17 -36.54 22.52
N GLU B 35 -20.72 -36.63 21.27
CA GLU B 35 -19.30 -36.48 20.97
C GLU B 35 -18.86 -35.08 21.38
N GLY B 36 -19.73 -34.10 21.13
CA GLY B 36 -19.41 -32.73 21.48
C GLY B 36 -19.34 -32.53 22.99
N GLN B 37 -20.32 -33.08 23.71
CA GLN B 37 -20.33 -32.92 25.17
C GLN B 37 -19.23 -33.69 25.87
N MET B 38 -18.87 -34.85 25.34
CA MET B 38 -17.79 -35.63 25.95
C MET B 38 -16.48 -34.87 25.77
N PHE B 39 -16.32 -34.22 24.61
CA PHE B 39 -15.12 -33.45 24.35
C PHE B 39 -15.05 -32.27 25.30
N ARG B 40 -16.21 -31.66 25.55
CA ARG B 40 -16.32 -30.51 26.44
C ARG B 40 -15.87 -30.88 27.85
N LYS B 41 -16.23 -32.10 28.28
CA LYS B 41 -15.91 -32.59 29.61
C LYS B 41 -14.51 -33.18 29.77
N THR B 42 -14.00 -33.84 28.73
CA THR B 42 -12.70 -34.49 28.81
C THR B 42 -11.60 -33.91 27.92
N GLY B 43 -11.97 -33.16 26.89
CA GLY B 43 -10.98 -32.61 25.99
C GLY B 43 -10.55 -33.64 24.97
N LYS B 44 -11.24 -34.78 24.95
CA LYS B 44 -10.95 -35.86 24.03
C LYS B 44 -12.11 -36.06 23.06
N LEU B 45 -11.83 -36.06 21.75
CA LEU B 45 -12.87 -36.28 20.75
C LEU B 45 -12.78 -37.74 20.32
N VAL B 46 -13.82 -38.51 20.62
CA VAL B 46 -13.87 -39.92 20.26
C VAL B 46 -15.14 -40.26 19.49
N SER B 47 -14.97 -40.81 18.29
CA SER B 47 -16.13 -41.18 17.47
C SER B 47 -16.93 -42.26 18.19
N LEU B 48 -18.22 -42.02 18.35
CA LEU B 48 -19.11 -42.95 19.03
C LEU B 48 -19.85 -43.90 18.08
N SER B 49 -20.35 -45.00 18.63
CA SER B 49 -21.05 -46.01 17.86
C SER B 49 -22.54 -45.84 17.61
N GLU B 50 -22.89 -45.47 16.37
CA GLU B 50 -24.30 -45.33 16.01
C GLU B 50 -24.91 -46.73 15.97
N GLN B 51 -24.10 -47.73 15.61
CA GLN B 51 -24.59 -49.10 15.52
C GLN B 51 -25.05 -49.58 16.89
N ASN B 52 -24.32 -49.17 17.92
CA ASN B 52 -24.63 -49.52 19.31
C ASN B 52 -26.04 -49.01 19.61
N LEU B 53 -26.34 -47.79 19.18
CA LEU B 53 -27.66 -47.21 19.42
C LEU B 53 -28.72 -47.95 18.59
N VAL B 54 -28.39 -48.24 17.33
CA VAL B 54 -29.32 -48.93 16.45
C VAL B 54 -29.72 -50.31 16.97
N ASP B 55 -28.73 -51.12 17.31
CA ASP B 55 -28.98 -52.49 17.78
C ASP B 55 -29.55 -52.61 19.19
N CYS B 56 -29.21 -51.68 20.05
CA CYS B 56 -29.58 -51.80 21.46
C CYS B 56 -30.66 -50.94 22.10
N SER B 57 -31.09 -49.86 21.43
CA SER B 57 -32.07 -48.98 22.05
C SER B 57 -33.55 -49.20 21.74
N ARG B 58 -33.91 -50.38 21.28
CA ARG B 58 -35.31 -50.64 20.99
C ARG B 58 -36.17 -50.61 22.26
N PRO B 59 -35.60 -51.03 23.41
CA PRO B 59 -36.41 -51.01 24.63
C PRO B 59 -36.86 -49.59 24.99
N GLN B 60 -36.04 -48.62 24.61
CA GLN B 60 -36.33 -47.21 24.88
C GLN B 60 -37.31 -46.59 23.89
N GLY B 61 -37.71 -47.35 22.87
CA GLY B 61 -38.65 -46.84 21.91
C GLY B 61 -38.12 -46.56 20.52
N ASN B 62 -36.83 -46.80 20.29
CA ASN B 62 -36.27 -46.58 18.97
C ASN B 62 -36.49 -47.81 18.10
N GLN B 63 -36.38 -47.64 16.79
CA GLN B 63 -36.60 -48.75 15.87
C GLN B 63 -35.48 -48.89 14.85
N GLY B 64 -34.25 -48.69 15.32
CA GLY B 64 -33.08 -48.84 14.47
C GLY B 64 -33.15 -48.16 13.11
N CYS B 65 -32.97 -48.94 12.05
CA CYS B 65 -33.02 -48.39 10.70
C CYS B 65 -34.39 -47.89 10.28
N ASN B 66 -35.41 -48.19 11.09
CA ASN B 66 -36.76 -47.73 10.79
C ASN B 66 -37.10 -46.44 11.52
N GLY B 67 -36.10 -45.78 12.06
CA GLY B 67 -36.34 -44.52 12.75
C GLY B 67 -36.21 -44.54 14.26
N GLY B 68 -36.05 -43.35 14.83
CA GLY B 68 -35.92 -43.23 16.26
C GLY B 68 -35.89 -41.77 16.69
N PHE B 69 -35.59 -41.54 17.96
CA PHE B 69 -35.54 -40.20 18.52
C PHE B 69 -34.22 -40.00 19.24
N MET B 70 -33.61 -38.83 19.07
CA MET B 70 -32.35 -38.55 19.74
C MET B 70 -32.54 -38.62 21.26
N ALA B 71 -33.70 -38.15 21.73
CA ALA B 71 -33.99 -38.16 23.16
C ALA B 71 -33.94 -39.59 23.71
N ARG B 72 -34.50 -40.53 22.97
CA ARG B 72 -34.52 -41.93 23.40
C ARG B 72 -33.11 -42.51 23.34
N ALA B 73 -32.28 -41.97 22.46
CA ALA B 73 -30.90 -42.44 22.36
C ALA B 73 -30.15 -42.01 23.62
N PHE B 74 -30.37 -40.76 24.05
CA PHE B 74 -29.70 -40.26 25.26
C PHE B 74 -30.22 -41.04 26.46
N GLN B 75 -31.50 -41.40 26.42
CA GLN B 75 -32.12 -42.17 27.50
C GLN B 75 -31.44 -43.53 27.57
N TYR B 76 -31.23 -44.15 26.41
CA TYR B 76 -30.57 -45.45 26.37
C TYR B 76 -29.19 -45.38 26.99
N VAL B 77 -28.41 -44.38 26.59
CA VAL B 77 -27.06 -44.22 27.11
C VAL B 77 -27.08 -44.14 28.63
N LYS B 78 -28.02 -43.37 29.17
CA LYS B 78 -28.14 -43.22 30.61
C LYS B 78 -28.50 -44.54 31.31
N GLU B 79 -29.57 -45.18 30.85
CA GLU B 79 -30.01 -46.44 31.45
C GLU B 79 -29.01 -47.57 31.24
N ASN B 80 -28.33 -47.55 30.10
CA ASN B 80 -27.36 -48.58 29.78
C ASN B 80 -26.05 -48.39 30.53
N GLY B 81 -25.79 -47.15 30.98
CA GLY B 81 -24.57 -46.88 31.71
C GLY B 81 -23.36 -46.66 30.82
N GLY B 82 -23.60 -46.47 29.52
CA GLY B 82 -22.49 -46.24 28.61
C GLY B 82 -22.82 -46.38 27.15
N LEU B 83 -21.84 -46.13 26.30
CA LEU B 83 -21.97 -46.24 24.85
C LEU B 83 -20.58 -46.54 24.31
N ASP B 84 -20.48 -47.54 23.46
CA ASP B 84 -19.18 -47.93 22.90
C ASP B 84 -18.69 -46.99 21.82
N SER B 85 -17.40 -47.07 21.55
CA SER B 85 -16.75 -46.26 20.53
C SER B 85 -17.09 -46.87 19.18
N GLU B 86 -17.00 -46.07 18.12
CA GLU B 86 -17.26 -46.58 16.78
C GLU B 86 -16.25 -47.68 16.45
N GLU B 87 -15.00 -47.46 16.86
CA GLU B 87 -13.94 -48.42 16.60
C GLU B 87 -14.26 -49.82 17.14
N SER B 88 -14.82 -49.87 18.35
CA SER B 88 -15.14 -51.15 18.98
C SER B 88 -16.48 -51.73 18.53
N TYR B 89 -17.36 -50.89 18.00
CA TYR B 89 -18.68 -51.32 17.59
C TYR B 89 -18.98 -50.62 16.26
N PRO B 90 -18.39 -51.09 15.16
CA PRO B 90 -18.55 -50.53 13.82
C PRO B 90 -19.96 -50.49 13.24
N TYR B 91 -20.18 -49.49 12.39
CA TYR B 91 -21.47 -49.27 11.74
C TYR B 91 -21.62 -50.13 10.48
N VAL B 92 -22.76 -50.82 10.37
CA VAL B 92 -23.03 -51.67 9.23
C VAL B 92 -24.34 -51.35 8.51
N ALA B 93 -25.04 -50.31 8.97
CA ALA B 93 -26.28 -49.86 8.35
C ALA B 93 -27.41 -50.89 8.25
N VAL B 94 -27.49 -51.78 9.23
CA VAL B 94 -28.54 -52.79 9.27
C VAL B 94 -28.85 -53.09 10.73
N ASP B 95 -30.08 -53.48 11.03
CA ASP B 95 -30.45 -53.80 12.40
C ASP B 95 -29.83 -55.14 12.77
N GLU B 96 -29.04 -55.17 13.83
CA GLU B 96 -28.39 -56.40 14.26
C GLU B 96 -28.53 -56.68 15.74
N ILE B 97 -27.97 -57.81 16.17
CA ILE B 97 -28.03 -58.21 17.57
C ILE B 97 -27.22 -57.23 18.41
N CYS B 98 -27.78 -56.81 19.55
CA CYS B 98 -27.08 -55.88 20.41
C CYS B 98 -25.81 -56.55 20.92
N LYS B 99 -24.67 -55.88 20.72
CA LYS B 99 -23.39 -56.40 21.14
C LYS B 99 -22.63 -55.39 21.99
N TYR B 100 -23.36 -54.65 22.81
CA TYR B 100 -22.73 -53.66 23.68
C TYR B 100 -21.80 -54.35 24.67
N ARG B 101 -20.63 -53.75 24.87
CA ARG B 101 -19.64 -54.27 25.79
C ARG B 101 -19.25 -53.09 26.69
N PRO B 102 -19.57 -53.18 27.98
CA PRO B 102 -19.23 -52.09 28.92
C PRO B 102 -17.74 -51.74 28.97
N GLU B 103 -16.89 -52.73 28.72
CA GLU B 103 -15.45 -52.50 28.76
C GLU B 103 -15.01 -51.61 27.60
N ASN B 104 -15.85 -51.49 26.58
CA ASN B 104 -15.55 -50.66 25.42
C ASN B 104 -16.28 -49.32 25.44
N SER B 105 -16.97 -49.04 26.54
CA SER B 105 -17.69 -47.77 26.67
C SER B 105 -16.73 -46.60 26.81
N VAL B 106 -16.99 -45.53 26.07
CA VAL B 106 -16.15 -44.34 26.13
C VAL B 106 -16.98 -43.08 26.33
N ALA B 107 -18.28 -43.26 26.60
CA ALA B 107 -19.15 -42.12 26.82
C ALA B 107 -20.37 -42.49 27.63
N GLN B 108 -21.03 -41.48 28.18
CA GLN B 108 -22.22 -41.68 28.98
C GLN B 108 -22.89 -40.34 29.25
N ASP B 109 -24.14 -40.38 29.70
CA ASP B 109 -24.86 -39.17 30.07
C ASP B 109 -25.84 -39.50 31.18
N THR B 110 -26.36 -38.48 31.83
CA THR B 110 -27.29 -38.66 32.94
C THR B 110 -28.71 -38.35 32.52
N GLY B 111 -28.88 -38.11 31.22
CA GLY B 111 -30.18 -37.77 30.69
C GLY B 111 -29.96 -36.71 29.63
N PHE B 112 -30.96 -35.88 29.40
CA PHE B 112 -30.81 -34.84 28.39
C PHE B 112 -31.63 -33.60 28.70
N THR B 113 -31.29 -32.50 28.02
CA THR B 113 -31.98 -31.24 28.19
C THR B 113 -32.69 -30.89 26.88
N VAL B 114 -33.92 -30.41 26.99
CA VAL B 114 -34.70 -30.04 25.82
C VAL B 114 -34.72 -28.53 25.66
N VAL B 115 -34.45 -28.05 24.46
CA VAL B 115 -34.45 -26.62 24.18
C VAL B 115 -35.90 -26.16 24.00
N ALA B 116 -36.24 -25.01 24.56
CA ALA B 116 -37.59 -24.47 24.44
C ALA B 116 -38.14 -24.69 23.04
N PRO B 117 -39.15 -25.56 22.91
CA PRO B 117 -39.79 -25.89 21.63
C PRO B 117 -40.17 -24.71 20.74
N GLY B 118 -39.60 -24.69 19.53
CA GLY B 118 -39.92 -23.64 18.58
C GLY B 118 -39.23 -22.29 18.74
N LYS B 119 -38.42 -22.12 19.78
CA LYS B 119 -37.75 -20.84 19.98
C LYS B 119 -36.32 -20.82 19.47
N GLU B 120 -36.12 -20.18 18.32
CA GLU B 120 -34.80 -20.09 17.72
C GLU B 120 -33.83 -19.30 18.60
N LYS B 121 -34.35 -18.40 19.41
CA LYS B 121 -33.48 -17.63 20.29
C LYS B 121 -32.93 -18.54 21.38
N ALA B 122 -33.74 -19.51 21.80
CA ALA B 122 -33.31 -20.46 22.82
C ALA B 122 -32.28 -21.40 22.23
N LEU B 123 -32.49 -21.79 20.97
CA LEU B 123 -31.55 -22.67 20.28
C LEU B 123 -30.22 -21.96 20.12
N MET B 124 -30.27 -20.68 19.77
CA MET B 124 -29.04 -19.91 19.59
C MET B 124 -28.25 -19.86 20.89
N LYS B 125 -28.96 -19.64 22.00
CA LYS B 125 -28.30 -19.59 23.31
C LYS B 125 -27.68 -20.94 23.64
N ALA B 126 -28.41 -22.01 23.33
CA ALA B 126 -27.93 -23.37 23.59
C ALA B 126 -26.67 -23.65 22.78
N VAL B 127 -26.71 -23.32 21.49
CA VAL B 127 -25.57 -23.55 20.61
C VAL B 127 -24.34 -22.77 21.07
N ALA B 128 -24.55 -21.51 21.45
CA ALA B 128 -23.43 -20.67 21.89
C ALA B 128 -22.82 -21.03 23.23
N THR B 129 -23.64 -21.56 24.15
CA THR B 129 -23.15 -21.90 25.48
C THR B 129 -23.00 -23.37 25.85
N VAL B 130 -23.44 -24.27 24.98
CA VAL B 130 -23.34 -25.70 25.28
C VAL B 130 -22.44 -26.46 24.31
N GLY B 131 -22.67 -26.27 23.02
CA GLY B 131 -21.90 -26.95 22.00
C GLY B 131 -22.88 -27.44 20.95
N PRO B 132 -22.51 -28.42 20.11
CA PRO B 132 -23.44 -28.92 19.08
C PRO B 132 -24.73 -29.42 19.70
N ILE B 133 -25.85 -29.14 19.03
CA ILE B 133 -27.17 -29.53 19.54
C ILE B 133 -27.90 -30.44 18.55
N SER B 134 -28.52 -31.50 19.07
CA SER B 134 -29.29 -32.41 18.23
C SER B 134 -30.60 -31.72 17.88
N VAL B 135 -30.98 -31.76 16.61
CA VAL B 135 -32.23 -31.16 16.18
C VAL B 135 -32.91 -32.01 15.13
N ALA B 136 -34.21 -31.82 14.98
CA ALA B 136 -34.98 -32.55 13.96
C ALA B 136 -35.43 -31.49 12.95
N MET B 137 -35.65 -31.92 11.72
CA MET B 137 -36.07 -30.99 10.68
C MET B 137 -36.86 -31.68 9.59
N ASP B 138 -37.49 -30.88 8.74
CA ASP B 138 -38.23 -31.40 7.61
C ASP B 138 -37.22 -31.42 6.46
N ALA B 139 -36.69 -32.59 6.15
CA ALA B 139 -35.69 -32.71 5.09
C ALA B 139 -36.22 -33.56 3.94
N GLY B 140 -37.54 -33.66 3.85
CA GLY B 140 -38.15 -34.47 2.80
C GLY B 140 -38.50 -33.76 1.51
N HIS B 141 -37.67 -32.80 1.10
CA HIS B 141 -37.91 -32.07 -0.13
C HIS B 141 -36.73 -32.30 -1.09
N SER B 142 -37.02 -32.40 -2.38
CA SER B 142 -35.98 -32.64 -3.37
C SER B 142 -34.89 -31.58 -3.29
N SER B 143 -35.28 -30.36 -2.89
CA SER B 143 -34.33 -29.27 -2.78
C SER B 143 -33.23 -29.60 -1.77
N PHE B 144 -33.59 -30.36 -0.75
CA PHE B 144 -32.61 -30.73 0.27
C PHE B 144 -31.71 -31.86 -0.24
N GLN B 145 -32.29 -32.82 -0.93
CA GLN B 145 -31.52 -33.94 -1.47
C GLN B 145 -30.42 -33.46 -2.42
N PHE B 146 -30.73 -32.45 -3.23
CA PHE B 146 -29.78 -31.93 -4.20
C PHE B 146 -29.01 -30.68 -3.76
N TYR B 147 -29.18 -30.30 -2.49
CA TYR B 147 -28.51 -29.13 -1.95
C TYR B 147 -27.00 -29.22 -2.12
N LYS B 148 -26.37 -28.10 -2.51
CA LYS B 148 -24.92 -28.08 -2.69
C LYS B 148 -24.21 -27.02 -1.89
N SER B 149 -24.78 -25.82 -1.81
CA SER B 149 -24.15 -24.74 -1.06
C SER B 149 -25.08 -23.55 -0.84
N GLY B 150 -24.63 -22.61 -0.02
CA GLY B 150 -25.42 -21.43 0.27
C GLY B 150 -26.47 -21.66 1.34
N ILE B 151 -27.25 -20.62 1.62
CA ILE B 151 -28.29 -20.73 2.62
C ILE B 151 -29.49 -21.47 2.06
N TYR B 152 -29.88 -22.54 2.73
CA TYR B 152 -31.00 -23.36 2.30
C TYR B 152 -32.33 -22.79 2.78
N PHE B 153 -33.24 -22.54 1.84
CA PHE B 153 -34.56 -22.04 2.16
C PHE B 153 -35.55 -22.75 1.25
N GLU B 154 -36.43 -23.53 1.86
CA GLU B 154 -37.45 -24.28 1.14
C GLU B 154 -38.83 -23.75 1.56
N PRO B 155 -39.48 -22.97 0.69
CA PRO B 155 -40.79 -22.40 0.99
C PRO B 155 -41.82 -23.40 1.50
N ASP B 156 -41.72 -24.66 1.07
CA ASP B 156 -42.68 -25.67 1.49
C ASP B 156 -42.28 -26.45 2.73
N CYS B 157 -41.22 -26.02 3.41
CA CYS B 157 -40.76 -26.71 4.60
C CYS B 157 -41.76 -26.55 5.74
N SER B 158 -41.93 -27.62 6.50
CA SER B 158 -42.83 -27.60 7.64
C SER B 158 -42.03 -27.38 8.91
N SER B 159 -42.63 -26.71 9.87
CA SER B 159 -41.97 -26.45 11.14
C SER B 159 -42.50 -27.44 12.18
N LYS B 160 -43.50 -28.22 11.78
CA LYS B 160 -44.13 -29.19 12.67
C LYS B 160 -43.91 -30.65 12.28
N ASN B 161 -44.02 -30.95 10.99
CA ASN B 161 -43.84 -32.31 10.51
C ASN B 161 -42.37 -32.54 10.16
N LEU B 162 -41.64 -33.13 11.10
CA LEU B 162 -40.21 -33.39 10.93
C LEU B 162 -39.92 -34.85 10.60
N ASP B 163 -38.88 -35.09 9.82
CA ASP B 163 -38.55 -36.46 9.44
C ASP B 163 -37.08 -36.79 9.47
N HIS B 164 -36.25 -35.84 9.91
CA HIS B 164 -34.81 -36.06 9.89
C HIS B 164 -34.08 -35.49 11.11
N GLY B 165 -33.15 -36.26 11.64
CA GLY B 165 -32.39 -35.81 12.79
C GLY B 165 -30.99 -35.41 12.35
N VAL B 166 -30.58 -34.19 12.69
CA VAL B 166 -29.27 -33.69 12.32
C VAL B 166 -28.59 -32.99 13.49
N LEU B 167 -27.46 -32.33 13.22
CA LEU B 167 -26.72 -31.67 14.28
C LEU B 167 -26.35 -30.22 13.97
N VAL B 168 -26.75 -29.31 14.85
CA VAL B 168 -26.42 -27.91 14.68
C VAL B 168 -25.07 -27.70 15.36
N VAL B 169 -24.06 -27.35 14.57
CA VAL B 169 -22.72 -27.15 15.12
C VAL B 169 -22.36 -25.67 15.22
N GLY B 170 -23.32 -24.81 14.90
CA GLY B 170 -23.06 -23.38 14.98
C GLY B 170 -24.08 -22.57 14.23
N TYR B 171 -23.77 -21.29 14.01
CA TYR B 171 -24.64 -20.40 13.28
C TYR B 171 -23.81 -19.21 12.83
N GLY B 172 -24.32 -18.47 11.86
CA GLY B 172 -23.59 -17.31 11.37
C GLY B 172 -24.42 -16.54 10.39
N PHE B 173 -23.75 -15.89 9.44
CA PHE B 173 -24.45 -15.09 8.46
C PHE B 173 -23.57 -14.84 7.24
N GLU B 174 -24.21 -14.54 6.12
CA GLU B 174 -23.50 -14.23 4.90
C GLU B 174 -23.74 -12.75 4.67
N GLY B 175 -22.81 -12.08 4.00
CA GLY B 175 -22.99 -10.66 3.75
C GLY B 175 -22.34 -9.77 4.79
N ALA B 176 -22.77 -8.52 4.83
CA ALA B 176 -22.19 -7.55 5.75
C ALA B 176 -23.05 -7.20 6.97
N ASN B 177 -24.19 -7.87 7.13
CA ASN B 177 -25.06 -7.59 8.27
C ASN B 177 -25.34 -8.87 9.07
N SER B 178 -24.75 -8.95 10.26
CA SER B 178 -24.93 -10.11 11.13
C SER B 178 -26.37 -10.32 11.57
N ASP B 179 -27.24 -9.38 11.22
CA ASP B 179 -28.65 -9.47 11.58
C ASP B 179 -29.50 -9.82 10.37
N ASN B 180 -28.84 -10.08 9.25
CA ASN B 180 -29.53 -10.43 8.01
C ASN B 180 -28.83 -11.60 7.32
N SER B 181 -29.58 -12.36 6.53
CA SER B 181 -29.02 -13.51 5.82
C SER B 181 -28.30 -14.44 6.80
N LYS B 182 -28.98 -14.77 7.89
CA LYS B 182 -28.42 -15.63 8.93
C LYS B 182 -28.72 -17.10 8.66
N TYR B 183 -27.92 -17.98 9.24
CA TYR B 183 -28.13 -19.41 9.03
C TYR B 183 -27.63 -20.25 10.19
N TRP B 184 -28.14 -21.48 10.24
CA TRP B 184 -27.73 -22.45 11.25
C TRP B 184 -26.74 -23.34 10.51
N LEU B 185 -25.61 -23.64 11.14
CA LEU B 185 -24.61 -24.51 10.51
C LEU B 185 -24.98 -25.93 10.92
N VAL B 186 -25.38 -26.75 9.94
CA VAL B 186 -25.82 -28.10 10.23
C VAL B 186 -24.97 -29.22 9.62
N LYS B 187 -24.62 -30.19 10.47
CA LYS B 187 -23.87 -31.36 10.05
C LYS B 187 -24.88 -32.44 9.70
N ASN B 188 -24.80 -32.98 8.49
CA ASN B 188 -25.73 -34.03 8.09
C ASN B 188 -24.97 -35.35 8.21
N SER B 189 -25.65 -36.46 7.93
CA SER B 189 -25.04 -37.77 8.03
C SER B 189 -25.23 -38.56 6.73
N TRP B 190 -25.06 -37.87 5.60
CA TRP B 190 -25.21 -38.50 4.30
C TRP B 190 -23.86 -38.51 3.57
N GLY B 191 -22.78 -38.43 4.35
CA GLY B 191 -21.45 -38.43 3.77
C GLY B 191 -20.97 -37.05 3.38
N PRO B 192 -19.64 -36.86 3.28
CA PRO B 192 -19.08 -35.55 2.91
C PRO B 192 -19.36 -35.19 1.45
N GLU B 193 -19.79 -36.17 0.66
CA GLU B 193 -20.08 -35.93 -0.75
C GLU B 193 -21.38 -35.15 -0.95
N TRP B 194 -22.24 -35.16 0.07
CA TRP B 194 -23.50 -34.45 0.00
C TRP B 194 -23.35 -33.01 0.51
N GLY B 195 -24.13 -32.10 -0.06
CA GLY B 195 -24.07 -30.72 0.37
C GLY B 195 -22.70 -30.09 0.26
N SER B 196 -22.37 -29.24 1.24
CA SER B 196 -21.07 -28.57 1.25
C SER B 196 -20.17 -29.34 2.19
N ASN B 197 -19.46 -30.32 1.65
CA ASN B 197 -18.58 -31.17 2.43
C ASN B 197 -19.34 -31.84 3.57
N GLY B 198 -20.61 -32.16 3.31
CA GLY B 198 -21.43 -32.81 4.30
C GLY B 198 -22.28 -31.90 5.17
N TYR B 199 -22.11 -30.59 4.99
CA TYR B 199 -22.84 -29.61 5.76
C TYR B 199 -23.85 -28.82 4.95
N VAL B 200 -24.78 -28.19 5.66
CA VAL B 200 -25.81 -27.37 5.04
C VAL B 200 -26.08 -26.18 5.94
N LYS B 201 -26.32 -25.03 5.33
CA LYS B 201 -26.63 -23.80 6.07
C LYS B 201 -28.14 -23.65 5.96
N ILE B 202 -28.85 -23.77 7.07
CA ILE B 202 -30.30 -23.63 7.02
C ILE B 202 -30.70 -22.23 7.49
N ALA B 203 -31.58 -21.59 6.71
CA ALA B 203 -32.05 -20.25 7.03
C ALA B 203 -32.37 -20.12 8.51
N LYS B 204 -31.79 -19.11 9.15
CA LYS B 204 -31.99 -18.87 10.58
C LYS B 204 -32.83 -17.62 10.83
N ASP B 205 -33.66 -17.69 11.87
CA ASP B 205 -34.54 -16.59 12.26
C ASP B 205 -35.51 -16.23 11.14
N LYS B 206 -35.98 -17.25 10.46
CA LYS B 206 -36.93 -17.10 9.37
C LYS B 206 -38.16 -17.95 9.71
N ASN B 207 -38.73 -17.70 10.88
CA ASN B 207 -39.91 -18.40 11.34
C ASN B 207 -39.67 -19.89 11.58
N ASN B 208 -38.57 -20.20 12.26
CA ASN B 208 -38.22 -21.59 12.59
C ASN B 208 -38.27 -22.46 11.34
N HIS B 209 -37.50 -22.06 10.33
CA HIS B 209 -37.47 -22.76 9.05
C HIS B 209 -37.17 -24.24 9.15
N CYS B 210 -38.04 -25.03 8.54
CA CYS B 210 -37.94 -26.49 8.51
C CYS B 210 -38.00 -27.12 9.91
N GLY B 211 -38.45 -26.33 10.89
CA GLY B 211 -38.58 -26.82 12.26
C GLY B 211 -37.28 -27.06 13.01
N ILE B 212 -36.22 -26.39 12.59
CA ILE B 212 -34.90 -26.54 13.21
C ILE B 212 -34.90 -26.42 14.74
N ALA B 213 -35.77 -25.58 15.30
CA ALA B 213 -35.82 -25.40 16.74
C ALA B 213 -37.03 -26.04 17.41
N THR B 214 -37.78 -26.85 16.66
CA THR B 214 -38.97 -27.50 17.19
C THR B 214 -38.68 -28.65 18.17
N ALA B 215 -37.66 -29.45 17.87
CA ALA B 215 -37.30 -30.58 18.73
C ALA B 215 -35.80 -30.67 18.90
N ALA B 216 -35.23 -29.69 19.61
CA ALA B 216 -33.79 -29.66 19.85
C ALA B 216 -33.47 -30.19 21.25
N SER B 217 -32.34 -30.87 21.38
CA SER B 217 -31.93 -31.42 22.66
C SER B 217 -30.44 -31.72 22.67
N TYR B 218 -29.90 -31.97 23.86
CA TYR B 218 -28.50 -32.31 24.02
C TYR B 218 -28.35 -33.15 25.29
N PRO B 219 -27.37 -34.06 25.31
CA PRO B 219 -27.16 -34.91 26.48
C PRO B 219 -26.45 -34.20 27.63
N ASN B 220 -26.76 -34.62 28.85
CA ASN B 220 -26.13 -34.04 30.02
C ASN B 220 -25.04 -35.02 30.46
N VAL B 221 -23.79 -34.58 30.41
CA VAL B 221 -22.67 -35.42 30.80
C VAL B 221 -22.05 -34.99 32.13
N1 0IW C . 16.33 43.10 -12.00
C 0IW C . 16.74 41.86 -11.63
O 0IW C . 16.18 41.30 -10.68
C2 0IW C . 16.78 43.76 -13.27
C3 0IW C . 17.14 45.23 -13.11
N4 0IW C . 16.06 45.98 -12.45
CM 0IW C . 16.54 47.35 -12.28
C5 0IW C . 15.74 45.45 -11.12
C6 0IW C . 15.39 43.95 -11.16
N 0IW C . 17.59 41.19 -12.40
CA 0IW C . 18.06 39.86 -12.00
C1 0IW C . 18.83 40.03 -10.70
O1 0IW C . 19.62 40.98 -10.58
CB 0IW C . 18.98 39.19 -13.04
CG 0IW C . 18.37 39.05 -14.42
CD1 0IW C . 17.05 38.65 -14.58
CD2 0IW C . 19.15 39.28 -15.55
CE1 0IW C . 16.50 38.49 -15.86
CE2 0IW C . 18.61 39.12 -16.83
CZ 0IW C . 17.29 38.72 -16.99
C11 0IW C . 19.23 36.66 -8.05
C21 0IW C . 20.06 37.94 -8.26
C31 0IW C . 19.20 39.25 -8.42
N2 0IW C . 18.44 39.27 -9.67
C4 0IW C . 18.27 39.49 -7.23
C51 0IW C . 17.54 40.85 -7.39
C1' 0IW C . 16.60 41.21 -6.25
C2' 0IW C . 15.22 40.96 -6.36
C3' 0IW C . 14.36 41.30 -5.33
C4' 0IW C . 14.85 41.90 -4.17
C5' 0IW C . 16.23 42.16 -4.05
C6' 0IW C . 17.09 41.82 -5.08
C12 0IW C . 15.91 33.39 -5.54
C22 0IW C . 16.63 33.87 -4.47
C32 0IW C . 17.65 34.80 -4.67
C41 0IW C . 17.96 35.29 -5.97
S1 0IW C . 19.46 36.17 -6.29
O11 0IW C . 20.68 35.24 -5.84
O2 0IW C . 19.40 37.42 -5.32
C52 0IW C . 17.19 34.77 -7.04
C61 0IW C . 16.19 33.83 -6.83
S SO4 D . 27.14 26.90 -37.55
S SO4 D . 27.12 26.92 -37.54
O1 SO4 D . 28.41 26.13 -36.92
O1 SO4 D . 28.41 26.15 -36.93
O2 SO4 D . 25.86 25.92 -37.59
O2 SO4 D . 25.85 25.94 -37.59
O3 SO4 D . 26.81 28.18 -36.63
O3 SO4 D . 26.75 28.18 -36.63
O4 SO4 D . 27.47 27.39 -39.05
O4 SO4 D . 27.45 27.44 -39.03
N1 0IW E . -39.49 -41.91 13.83
C 0IW E . -38.68 -41.21 13.00
O 0IW E . -38.82 -41.34 11.78
C2 0IW E . -39.42 -41.81 15.33
C3 0IW E . -39.48 -43.15 16.05
N4 0IW E . -40.57 -43.98 15.55
CM 0IW E . -40.51 -45.26 16.25
C5 0IW E . -40.43 -44.25 14.12
C6 0IW E . -40.45 -42.96 13.32
N 0IW E . -37.85 -40.30 13.50
CA 0IW E . -36.97 -39.56 12.61
C1 0IW E . -36.04 -40.58 11.95
O1 0IW E . -35.52 -41.47 12.61
CB 0IW E . -36.12 -38.55 13.37
CG 0IW E . -36.91 -37.54 14.15
CD1 0IW E . -38.06 -36.97 13.60
CD2 0IW E . -36.50 -37.15 15.42
CE1 0IW E . -38.78 -36.01 14.32
CE2 0IW E . -37.23 -36.19 16.14
CZ 0IW E . -38.36 -35.62 15.59
C11 0IW E . -34.22 -39.66 8.24
C21 0IW E . -33.76 -40.55 9.41
C31 0IW E . -34.93 -41.34 9.96
N2 0IW E . -35.85 -40.45 10.65
C4 0IW E . -35.66 -42.09 8.84
C51 0IW E . -36.73 -43.00 9.43
C1' 0IW E . -37.49 -43.79 8.38
C2' 0IW E . -38.66 -43.25 7.83
C3' 0IW E . -39.38 -43.96 6.89
C4' 0IW E . -38.92 -45.22 6.47
C5' 0IW E . -37.75 -45.75 7.00
C6' 0IW E . -37.03 -45.03 7.96
C12 0IW E . -35.35 -38.05 3.21
C22 0IW E . -35.12 -39.41 3.16
C32 0IW E . -34.59 -40.07 4.26
C41 0IW E . -34.29 -39.36 5.45
S1 0IW E . -33.33 -40.10 6.71
O11 0IW E . -31.83 -39.61 6.46
O2 0IW E . -33.36 -41.64 6.39
C52 0IW E . -34.55 -37.97 5.48
C61 0IW E . -35.07 -37.32 4.36
#